data_4IOV
#
_entry.id   4IOV
#
_cell.length_a   246.396
_cell.length_b   247.521
_cell.length_c   250.332
_cell.angle_alpha   70.38
_cell.angle_beta   65.37
_cell.angle_gamma   60.17
#
_symmetry.space_group_name_H-M   'P 1'
#
loop_
_entity.id
_entity.type
_entity.pdbx_description
1 polymer 'Capsid protein VP1'
2 non-polymer "2'-DEOXYADENOSINE-5'-MONOPHOSPHATE"
#
_entity_poly.entity_id   1
_entity_poly.type   'polypeptide(L)'
_entity_poly.pdbx_seq_one_letter_code
;MAADGYLPDWLEDNLSEGIREWWDLKPGAPKPKANQQKQDDGRGLVLPGYKYLGPFNGLDKGEPVNAADAAALEHDKAYD
QQLKAGDNPYLRYNHADAEFQERLQEDTSFGGNLGRAVFQAKKRVLEPLGLVEEGAKTAPGKKRPLESPQEPDSSSGIGK
KGKQPAKKRLNFEEDTGAGDGPPEGSDTSAMSSDIEMRAAPGGNAVDAGQGSDGVGNASGDWHCDSTWSEGKVTTTSTRT
WVLPTYNNHLYLRLGTTSNSNTYNGFSTPWGYFDFNRFHCHFSPRDWQRLINNNWGLRPKAMRVKIFNIQVKEVTTSNGE
TTVANNLTSTVQIFADSSYELPYVMDAGQEGSLPPFPNDVFMVPQYGYCGIVTGENQNQTDRNAFYCLEYFPSQMLRTGN
NFEMAYNFEKVPFHSMYAHSQSLDRLMNPLLDQYLWHLQSTTSGETLNQGNAATTFGKIRSGDFAFYRKNWLPGPCVKQQ
RFSKTASQNYKIPASGGNALLKYDTHYTLNNRWSNIAPGPPMATAGPSDGDFSNAQLIFPGPSVTGNTTTSANNLLFTSE
EEIAATNPRDTDMFGQIADNNQNATTAPITGNVTAMGVLPGMVWQNRDIYYQGPIWAKIPHADGHFHPSPLIGGFGLKHP
PPQIFIKNTPVPANPATTFTAARVDSFITQYSTGQVAVQIEWEIEKERSKRWNPEVQFTSNYGNQSSMLWAPDTTGKYTE
PRVIGSRYLTNHL
;
_entity_poly.pdbx_strand_id   A
#
# COMPACT_ATOMS: atom_id res chain seq x y z
N GLY A 214 -10.90 27.71 -27.35
CA GLY A 214 -11.53 27.35 -28.69
C GLY A 214 -11.43 25.87 -29.06
N VAL A 215 -12.18 25.45 -30.08
CA VAL A 215 -12.14 24.06 -30.52
C VAL A 215 -10.80 23.70 -31.13
N GLY A 216 -10.27 24.65 -31.89
CA GLY A 216 -9.01 24.46 -32.57
C GLY A 216 -7.73 24.49 -31.74
N ASN A 217 -7.76 25.03 -30.53
CA ASN A 217 -6.54 25.09 -29.75
C ASN A 217 -6.38 24.05 -28.66
N ALA A 218 -5.18 23.50 -28.56
CA ALA A 218 -4.89 22.50 -27.53
C ALA A 218 -4.93 23.28 -26.24
N SER A 219 -5.28 22.63 -25.13
CA SER A 219 -5.38 23.34 -23.86
C SER A 219 -4.33 22.92 -22.86
N GLY A 220 -3.25 22.34 -23.33
CA GLY A 220 -2.19 21.92 -22.44
C GLY A 220 -1.16 21.12 -23.19
N ASP A 221 0.09 21.15 -22.74
CA ASP A 221 1.11 20.40 -23.43
C ASP A 221 1.51 19.17 -22.64
N TRP A 222 1.89 18.14 -23.33
CA TRP A 222 2.26 16.94 -22.66
C TRP A 222 3.68 16.97 -22.17
N HIS A 223 3.88 17.27 -20.89
CA HIS A 223 5.20 17.19 -20.34
C HIS A 223 5.26 16.21 -19.19
N CYS A 224 6.22 15.29 -19.28
CA CYS A 224 6.51 14.36 -18.23
C CYS A 224 7.96 14.64 -17.93
N ASP A 225 8.31 14.90 -16.70
CA ASP A 225 9.70 15.21 -16.39
C ASP A 225 10.09 14.93 -14.97
N SER A 226 11.38 14.80 -14.71
CA SER A 226 11.88 14.75 -13.35
C SER A 226 13.00 15.77 -13.26
N THR A 227 12.96 16.66 -12.27
CA THR A 227 14.04 17.61 -12.14
C THR A 227 14.58 17.36 -10.78
N TRP A 228 15.88 17.11 -10.66
CA TRP A 228 16.51 16.81 -9.37
C TRP A 228 17.25 18.02 -8.75
N SER A 229 17.17 18.27 -7.36
CA SER A 229 17.81 19.35 -6.64
C SER A 229 18.63 18.78 -5.53
N GLU A 230 19.47 19.62 -4.95
CA GLU A 230 20.30 19.19 -3.86
C GLU A 230 19.39 18.76 -2.74
N GLY A 231 18.27 19.41 -2.63
CA GLY A 231 17.39 19.01 -1.57
C GLY A 231 16.03 18.45 -1.91
N LYS A 232 15.62 18.72 -3.14
CA LYS A 232 14.29 18.28 -3.47
C LYS A 232 14.17 17.84 -4.91
N VAL A 233 13.44 16.77 -5.16
CA VAL A 233 13.29 16.33 -6.54
C VAL A 233 11.86 16.58 -6.92
N THR A 234 11.62 16.97 -8.16
CA THR A 234 10.27 17.22 -8.60
C THR A 234 9.91 16.33 -9.77
N THR A 235 8.87 15.54 -9.57
CA THR A 235 8.41 14.63 -10.60
C THR A 235 7.19 15.15 -11.31
N THR A 236 7.13 14.86 -12.60
CA THR A 236 6.00 15.30 -13.41
C THR A 236 5.70 14.30 -14.51
N SER A 237 4.47 13.82 -14.59
CA SER A 237 4.15 12.89 -15.67
C SER A 237 2.74 13.11 -16.19
N THR A 238 2.57 12.79 -17.48
CA THR A 238 1.30 12.95 -18.16
C THR A 238 0.85 11.62 -18.74
N ARG A 239 -0.46 11.45 -18.92
CA ARG A 239 -0.98 10.22 -19.47
C ARG A 239 -2.26 10.56 -20.20
N THR A 240 -2.72 9.64 -21.05
CA THR A 240 -3.97 9.85 -21.78
C THR A 240 -4.98 8.90 -21.16
N TRP A 241 -6.22 9.32 -21.06
CA TRP A 241 -7.23 8.48 -20.43
C TRP A 241 -8.54 8.35 -21.22
N VAL A 242 -9.31 7.31 -20.91
CA VAL A 242 -10.60 7.10 -21.57
C VAL A 242 -11.66 7.02 -20.50
N LEU A 243 -12.81 7.66 -20.74
CA LEU A 243 -13.87 7.61 -19.73
C LEU A 243 -15.16 7.15 -20.36
N PRO A 244 -15.65 5.97 -19.93
CA PRO A 244 -16.88 5.36 -20.41
C PRO A 244 -18.00 6.06 -19.73
N THR A 245 -19.18 5.49 -19.92
CA THR A 245 -20.37 6.00 -19.29
C THR A 245 -20.74 4.83 -18.40
N TYR A 246 -20.62 5.02 -17.09
CA TYR A 246 -20.92 3.95 -16.17
C TYR A 246 -22.39 3.80 -15.77
N ASN A 247 -22.80 2.57 -15.53
CA ASN A 247 -24.17 2.31 -15.08
C ASN A 247 -25.21 3.07 -15.87
N ASN A 248 -24.99 3.24 -17.17
CA ASN A 248 -25.96 3.94 -17.97
C ASN A 248 -26.49 5.15 -17.20
N HIS A 249 -25.59 5.90 -16.57
CA HIS A 249 -25.97 7.11 -15.86
C HIS A 249 -26.72 7.01 -14.55
N LEU A 250 -26.73 5.89 -13.86
CA LEU A 250 -27.45 5.88 -12.59
C LEU A 250 -26.76 5.24 -11.42
N TYR A 251 -27.03 5.77 -10.27
CA TYR A 251 -26.45 5.25 -9.08
C TYR A 251 -27.21 3.98 -8.79
N LEU A 252 -26.52 2.95 -8.39
CA LEU A 252 -27.08 1.67 -8.03
C LEU A 252 -26.77 1.18 -6.63
N ARG A 253 -27.77 0.74 -5.90
CA ARG A 253 -27.52 0.22 -4.58
C ARG A 253 -26.66 -1.00 -4.77
N LEU A 254 -25.78 -1.30 -3.82
CA LEU A 254 -25.02 -2.54 -3.87
C LEU A 254 -25.04 -3.32 -2.59
N GLY A 255 -25.34 -4.61 -2.65
CA GLY A 255 -25.03 -5.43 -1.50
C GLY A 255 -25.07 -6.92 -1.72
N THR A 256 -24.13 -7.67 -1.18
CA THR A 256 -24.26 -9.11 -1.20
C THR A 256 -24.14 -9.47 0.26
N THR A 257 -24.91 -10.43 0.79
CA THR A 257 -24.51 -11.05 2.10
C THR A 257 -23.84 -12.54 1.93
N SER A 258 -22.50 -12.56 1.99
CA SER A 258 -21.66 -13.73 2.11
C SER A 258 -21.03 -13.63 3.50
N ASN A 259 -20.94 -14.73 4.23
CA ASN A 259 -20.63 -14.73 5.68
C ASN A 259 -19.39 -14.01 6.26
N SER A 260 -18.23 -14.12 5.62
CA SER A 260 -17.01 -13.51 6.14
C SER A 260 -16.64 -12.39 5.19
N ASN A 261 -17.56 -12.09 4.28
CA ASN A 261 -17.32 -11.06 3.27
C ASN A 261 -18.42 -10.01 3.13
N THR A 262 -19.61 -10.26 3.67
CA THR A 262 -20.75 -9.49 3.33
C THR A 262 -20.34 -8.06 3.35
N TYR A 263 -20.97 -7.29 2.49
CA TYR A 263 -20.66 -5.89 2.31
C TYR A 263 -21.88 -5.18 1.75
N ASN A 264 -21.92 -3.82 1.88
CA ASN A 264 -23.05 -3.09 1.31
C ASN A 264 -22.50 -1.75 0.86
N GLY A 265 -23.16 -1.14 -0.12
CA GLY A 265 -22.69 0.14 -0.63
C GLY A 265 -23.39 0.59 -1.91
N PHE A 266 -22.72 1.44 -2.69
CA PHE A 266 -23.30 1.96 -3.93
C PHE A 266 -22.25 2.08 -5.02
N SER A 267 -22.69 2.02 -6.28
CA SER A 267 -21.79 2.17 -7.42
C SER A 267 -22.23 3.46 -8.11
N THR A 268 -21.27 4.29 -8.48
CA THR A 268 -21.56 5.60 -9.06
C THR A 268 -21.28 5.75 -10.53
N PRO A 269 -21.96 6.69 -11.19
CA PRO A 269 -21.81 7.00 -12.61
C PRO A 269 -20.54 7.76 -12.83
N TRP A 270 -19.93 8.23 -11.75
CA TRP A 270 -18.69 9.00 -11.82
C TRP A 270 -17.44 8.13 -11.81
N GLY A 271 -16.34 8.73 -12.26
CA GLY A 271 -15.06 8.03 -12.29
C GLY A 271 -14.06 8.92 -11.61
N TYR A 272 -12.93 8.38 -11.18
CA TYR A 272 -11.94 9.22 -10.51
C TYR A 272 -10.49 8.95 -10.92
N PHE A 273 -9.63 9.94 -10.74
CA PHE A 273 -8.23 9.81 -11.07
C PHE A 273 -7.45 9.40 -9.85
N ASP A 274 -6.57 8.43 -10.00
CA ASP A 274 -5.78 7.99 -8.88
C ASP A 274 -4.30 7.88 -9.21
N PHE A 275 -3.47 8.59 -8.47
CA PHE A 275 -2.03 8.55 -8.70
C PHE A 275 -1.35 8.06 -7.44
N ASN A 276 -1.94 7.07 -6.78
CA ASN A 276 -1.38 6.61 -5.52
C ASN A 276 -0.23 5.62 -5.55
N ARG A 277 0.11 5.08 -6.72
CA ARG A 277 1.24 4.18 -6.80
C ARG A 277 2.50 5.02 -7.04
N PHE A 278 3.62 4.60 -6.45
CA PHE A 278 4.87 5.33 -6.61
C PHE A 278 5.32 5.42 -8.05
N HIS A 279 5.38 4.27 -8.71
CA HIS A 279 5.85 4.18 -10.08
C HIS A 279 5.14 5.15 -11.03
N CYS A 280 4.07 5.78 -10.56
CA CYS A 280 3.32 6.69 -11.41
C CYS A 280 4.18 7.92 -11.68
N HIS A 281 5.01 8.27 -10.71
CA HIS A 281 5.83 9.47 -10.83
C HIS A 281 7.31 9.24 -10.97
N PHE A 282 7.76 8.00 -10.83
CA PHE A 282 9.20 7.77 -10.94
C PHE A 282 9.56 6.75 -11.99
N SER A 283 10.46 7.10 -12.89
CA SER A 283 10.86 6.12 -13.88
C SER A 283 11.80 5.23 -13.10
N PRO A 284 11.91 3.96 -13.50
CA PRO A 284 12.80 3.08 -12.76
C PRO A 284 14.12 3.79 -12.41
N ARG A 285 14.86 4.23 -13.42
CA ARG A 285 16.12 4.90 -13.15
C ARG A 285 15.98 5.93 -12.04
N ASP A 286 14.98 6.80 -12.13
CA ASP A 286 14.75 7.81 -11.11
C ASP A 286 14.63 7.21 -9.74
N TRP A 287 13.80 6.16 -9.63
CA TRP A 287 13.61 5.48 -8.36
C TRP A 287 14.97 5.05 -7.87
N GLN A 288 15.78 4.51 -8.79
CA GLN A 288 17.13 4.09 -8.45
C GLN A 288 17.89 5.27 -7.87
N ARG A 289 18.09 6.31 -8.69
CA ARG A 289 18.76 7.51 -8.23
C ARG A 289 18.34 7.87 -6.81
N LEU A 290 17.03 7.99 -6.60
CA LEU A 290 16.48 8.31 -5.30
C LEU A 290 16.97 7.42 -4.15
N ILE A 291 16.73 6.12 -4.27
CA ILE A 291 17.10 5.20 -3.20
C ILE A 291 18.57 4.88 -2.97
N ASN A 292 19.44 5.02 -3.95
CA ASN A 292 20.84 4.72 -3.70
C ASN A 292 21.56 5.89 -3.10
N ASN A 293 20.89 7.04 -3.07
CA ASN A 293 21.52 8.25 -2.57
C ASN A 293 20.96 8.95 -1.35
N ASN A 294 19.69 8.80 -1.06
CA ASN A 294 19.14 9.52 0.06
C ASN A 294 18.62 8.67 1.19
N TRP A 295 18.72 9.18 2.41
CA TRP A 295 18.25 8.43 3.54
C TRP A 295 16.75 8.48 3.68
N GLY A 296 16.20 9.67 3.54
CA GLY A 296 14.76 9.79 3.67
C GLY A 296 14.14 10.64 2.60
N LEU A 297 12.83 10.49 2.46
CA LEU A 297 12.08 11.25 1.48
C LEU A 297 10.68 11.42 2.04
N ARG A 298 10.00 12.45 1.58
CA ARG A 298 8.65 12.72 1.98
C ARG A 298 8.12 13.72 0.98
N PRO A 299 6.88 13.55 0.58
CA PRO A 299 6.20 14.41 -0.39
C PRO A 299 5.89 15.77 0.19
N LYS A 300 6.02 16.82 -0.62
CA LYS A 300 5.74 18.16 -0.11
C LYS A 300 4.52 18.81 -0.74
N ALA A 301 4.46 18.89 -2.07
CA ALA A 301 3.31 19.50 -2.69
C ALA A 301 2.95 18.87 -4.01
N MET A 302 1.71 19.10 -4.44
CA MET A 302 1.22 18.53 -5.67
C MET A 302 0.30 19.46 -6.45
N ARG A 303 0.17 19.17 -7.74
CA ARG A 303 -0.68 19.96 -8.62
C ARG A 303 -1.04 19.09 -9.83
N VAL A 304 -2.31 19.14 -10.19
CA VAL A 304 -2.84 18.34 -11.27
C VAL A 304 -3.57 19.18 -12.27
N LYS A 305 -3.64 18.70 -13.51
CA LYS A 305 -4.41 19.38 -14.54
C LYS A 305 -4.88 18.42 -15.62
N ILE A 306 -6.14 18.55 -16.01
CA ILE A 306 -6.75 17.72 -17.03
C ILE A 306 -7.00 18.58 -18.25
N PHE A 307 -6.67 18.06 -19.44
CA PHE A 307 -6.82 18.86 -20.65
C PHE A 307 -6.99 18.10 -21.95
N ASN A 308 -7.35 18.84 -23.00
CA ASN A 308 -7.58 18.29 -24.33
C ASN A 308 -8.74 17.36 -24.30
N ILE A 309 -9.77 17.78 -23.60
CA ILE A 309 -10.95 16.95 -23.50
C ILE A 309 -11.52 16.79 -24.90
N GLN A 310 -11.84 15.55 -25.25
CA GLN A 310 -12.42 15.22 -26.55
C GLN A 310 -13.59 14.32 -26.25
N VAL A 311 -14.78 14.79 -26.56
CA VAL A 311 -15.96 14.00 -26.31
C VAL A 311 -16.35 13.34 -27.61
N LYS A 312 -16.53 12.03 -27.55
CA LYS A 312 -16.90 11.28 -28.73
C LYS A 312 -18.32 10.77 -28.57
N GLU A 313 -18.99 10.62 -29.70
CA GLU A 313 -20.36 10.15 -29.77
C GLU A 313 -20.35 8.96 -30.70
N VAL A 314 -21.04 7.87 -30.34
CA VAL A 314 -21.02 6.69 -31.19
C VAL A 314 -22.34 6.37 -31.90
N THR A 315 -22.28 6.35 -33.24
CA THR A 315 -23.43 6.09 -34.10
C THR A 315 -23.97 4.68 -33.96
N THR A 316 -23.07 3.72 -33.79
CA THR A 316 -23.45 2.33 -33.62
C THR A 316 -24.42 1.79 -34.69
N SER A 317 -24.04 1.91 -35.95
CA SER A 317 -24.83 1.33 -37.04
C SER A 317 -24.86 -0.18 -36.89
N ASN A 318 -25.64 -0.85 -37.72
CA ASN A 318 -25.75 -2.32 -37.65
C ASN A 318 -24.50 -3.04 -38.14
N GLY A 319 -23.94 -3.89 -37.29
CA GLY A 319 -22.74 -4.63 -37.65
C GLY A 319 -21.51 -3.80 -37.36
N GLU A 320 -21.54 -2.55 -37.82
CA GLU A 320 -20.44 -1.60 -37.64
C GLU A 320 -20.85 -0.48 -36.69
N THR A 321 -19.95 -0.11 -35.79
CA THR A 321 -20.22 0.97 -34.86
C THR A 321 -19.36 2.13 -35.31
N THR A 322 -19.98 3.29 -35.53
CA THR A 322 -19.22 4.44 -35.98
C THR A 322 -19.04 5.44 -34.85
N VAL A 323 -17.90 6.10 -34.83
CA VAL A 323 -17.62 7.09 -33.80
C VAL A 323 -17.20 8.41 -34.43
N ALA A 324 -17.77 9.45 -33.92
CA ALA A 324 -17.53 10.78 -34.43
C ALA A 324 -17.57 11.75 -33.29
N ASN A 325 -16.84 12.85 -33.41
CA ASN A 325 -16.80 13.86 -32.40
C ASN A 325 -18.08 14.59 -32.29
N ASN A 326 -18.46 14.89 -31.07
CA ASN A 326 -19.58 15.75 -30.82
C ASN A 326 -18.89 16.90 -30.22
N LEU A 327 -18.82 18.02 -30.88
CA LEU A 327 -18.09 19.08 -30.27
C LEU A 327 -18.73 19.70 -29.04
N THR A 328 -20.02 19.94 -29.07
CA THR A 328 -20.63 20.57 -27.91
C THR A 328 -21.10 19.65 -26.81
N SER A 329 -20.18 19.01 -26.11
CA SER A 329 -20.61 18.10 -25.08
C SER A 329 -19.76 18.36 -23.90
N THR A 330 -20.28 18.14 -22.72
CA THR A 330 -19.62 18.53 -21.49
C THR A 330 -19.30 17.42 -20.53
N VAL A 331 -18.09 17.42 -20.01
CA VAL A 331 -17.65 16.44 -19.03
C VAL A 331 -17.38 17.30 -17.80
N GLN A 332 -17.79 16.83 -16.64
CA GLN A 332 -17.70 17.62 -15.44
C GLN A 332 -16.76 17.09 -14.42
N ILE A 333 -15.87 17.95 -13.95
CA ILE A 333 -14.90 17.61 -12.95
C ILE A 333 -14.90 18.46 -11.72
N PHE A 334 -14.84 17.85 -10.56
CA PHE A 334 -14.67 18.60 -9.36
C PHE A 334 -13.82 17.76 -8.51
N ALA A 335 -13.12 18.36 -7.55
CA ALA A 335 -12.28 17.58 -6.70
C ALA A 335 -12.70 18.02 -5.38
N ASP A 336 -12.86 17.13 -4.41
CA ASP A 336 -13.28 17.75 -3.21
C ASP A 336 -12.22 17.71 -2.15
N SER A 337 -11.87 18.92 -1.75
CA SER A 337 -11.02 19.29 -0.66
C SER A 337 -11.57 18.89 0.66
N SER A 338 -12.97 19.14 0.69
CA SER A 338 -13.65 19.09 1.97
C SER A 338 -13.66 17.68 2.52
N TYR A 339 -13.28 16.71 1.69
CA TYR A 339 -13.27 15.34 2.11
C TYR A 339 -14.64 14.95 2.64
N GLU A 340 -15.68 15.39 1.95
CA GLU A 340 -17.03 15.08 2.36
C GLU A 340 -17.45 13.76 1.76
N LEU A 341 -16.81 13.37 0.68
CA LEU A 341 -17.11 12.09 0.03
C LEU A 341 -16.20 11.04 0.64
N PRO A 342 -16.66 9.77 0.71
CA PRO A 342 -15.77 8.75 1.29
C PRO A 342 -14.53 8.52 0.44
N TYR A 343 -13.38 8.49 1.10
CA TYR A 343 -12.11 8.31 0.42
C TYR A 343 -11.89 6.85 0.12
N VAL A 344 -11.45 6.56 -1.10
CA VAL A 344 -11.25 5.21 -1.53
C VAL A 344 -9.92 5.06 -2.27
N MET A 345 -9.45 6.16 -2.84
CA MET A 345 -8.20 6.19 -3.57
C MET A 345 -7.06 5.47 -2.85
N ASP A 346 -7.17 5.45 -1.55
CA ASP A 346 -6.12 4.95 -0.70
C ASP A 346 -5.80 3.48 -0.67
N ALA A 347 -6.75 2.57 -0.66
CA ALA A 347 -6.22 1.24 -0.47
C ALA A 347 -6.32 0.14 -1.48
N GLY A 348 -5.16 -0.42 -1.80
CA GLY A 348 -5.02 -1.67 -2.47
C GLY A 348 -5.73 -1.78 -3.77
N GLN A 349 -5.76 -0.75 -4.58
CA GLN A 349 -6.64 -0.95 -5.74
C GLN A 349 -6.19 -0.52 -7.11
N GLU A 350 -6.71 -1.22 -8.14
CA GLU A 350 -6.24 -0.80 -9.45
C GLU A 350 -6.80 0.56 -9.83
N GLY A 351 -6.32 1.12 -10.94
CA GLY A 351 -6.81 2.41 -11.39
C GLY A 351 -5.82 3.54 -11.42
N SER A 352 -4.70 3.36 -10.73
CA SER A 352 -3.66 4.38 -10.69
C SER A 352 -3.17 4.53 -12.12
N LEU A 353 -2.53 5.64 -12.46
CA LEU A 353 -2.03 5.78 -13.82
C LEU A 353 -1.05 4.65 -14.01
N PRO A 354 -0.90 4.17 -15.24
CA PRO A 354 0.04 3.09 -15.55
C PRO A 354 1.44 3.63 -15.42
N PRO A 355 2.39 2.76 -15.10
CA PRO A 355 3.78 3.17 -14.93
C PRO A 355 4.40 3.67 -16.23
N PHE A 356 4.31 2.87 -17.28
CA PHE A 356 4.89 3.26 -18.57
C PHE A 356 4.08 4.42 -19.14
N PRO A 357 4.74 5.52 -19.51
CA PRO A 357 4.11 6.72 -20.05
C PRO A 357 3.17 6.51 -21.24
N ASN A 358 3.68 5.82 -22.26
CA ASN A 358 2.90 5.58 -23.47
C ASN A 358 1.89 4.45 -23.33
N ASP A 359 1.08 4.50 -22.28
CA ASP A 359 0.05 3.50 -22.07
C ASP A 359 -1.21 4.25 -21.77
N VAL A 360 -2.27 4.02 -22.52
CA VAL A 360 -3.48 4.73 -22.22
C VAL A 360 -4.22 3.95 -21.17
N PHE A 361 -4.93 4.64 -20.28
CA PHE A 361 -5.64 3.95 -19.23
C PHE A 361 -7.11 4.34 -19.12
N MET A 362 -7.87 3.47 -18.48
CA MET A 362 -9.30 3.66 -18.31
C MET A 362 -9.58 4.22 -16.93
N VAL A 363 -10.21 5.37 -16.85
CA VAL A 363 -10.54 5.95 -15.56
C VAL A 363 -11.40 4.96 -14.78
N PRO A 364 -11.09 4.75 -13.51
CA PRO A 364 -11.82 3.82 -12.63
C PRO A 364 -13.19 4.36 -12.29
N GLN A 365 -14.15 3.47 -12.09
CA GLN A 365 -15.49 3.87 -11.70
C GLN A 365 -15.52 4.06 -10.20
N TYR A 366 -16.26 5.06 -9.75
CA TYR A 366 -16.33 5.34 -8.33
C TYR A 366 -17.47 4.66 -7.64
N GLY A 367 -17.12 3.87 -6.63
CA GLY A 367 -18.13 3.17 -5.87
C GLY A 367 -17.67 3.23 -4.43
N TYR A 368 -18.59 3.29 -3.49
CA TYR A 368 -18.19 3.37 -2.10
C TYR A 368 -18.90 2.38 -1.21
N CYS A 369 -18.25 2.06 -0.10
CA CYS A 369 -18.79 1.10 0.86
C CYS A 369 -19.55 1.74 1.98
N GLY A 370 -20.52 1.01 2.50
CA GLY A 370 -21.32 1.51 3.60
C GLY A 370 -21.12 0.58 4.78
N ILE A 371 -21.27 1.11 5.98
CA ILE A 371 -21.10 0.33 7.20
C ILE A 371 -22.05 -0.85 7.28
N VAL A 372 -21.51 -2.04 7.46
CA VAL A 372 -22.35 -3.21 7.57
C VAL A 372 -22.44 -3.66 9.00
N THR A 373 -23.67 -3.78 9.49
CA THR A 373 -23.88 -4.21 10.85
C THR A 373 -24.16 -5.70 10.80
N GLY A 374 -23.49 -6.44 11.67
CA GLY A 374 -23.69 -7.88 11.73
C GLY A 374 -22.99 -8.66 10.65
N GLU A 375 -23.28 -9.95 10.63
CA GLU A 375 -22.72 -10.86 9.65
C GLU A 375 -23.62 -10.78 8.41
N ASN A 376 -24.84 -10.30 8.61
CA ASN A 376 -25.78 -10.16 7.50
C ASN A 376 -25.76 -8.76 6.93
N GLN A 377 -25.75 -8.66 5.60
CA GLN A 377 -25.73 -7.36 4.97
C GLN A 377 -27.15 -6.85 4.86
N ASN A 378 -27.34 -5.61 5.27
CA ASN A 378 -28.63 -4.96 5.20
C ASN A 378 -28.27 -3.61 5.74
N GLN A 379 -29.17 -2.65 5.60
CA GLN A 379 -28.83 -1.33 6.05
C GLN A 379 -29.62 -0.86 7.26
N THR A 380 -28.97 0.00 8.05
CA THR A 380 -29.57 0.58 9.22
C THR A 380 -29.80 2.02 8.85
N ASP A 381 -30.46 2.73 9.74
CA ASP A 381 -30.70 4.13 9.50
C ASP A 381 -29.33 4.78 9.35
N ARG A 382 -28.36 4.32 10.13
CA ARG A 382 -27.04 4.90 10.06
C ARG A 382 -26.44 4.93 8.67
N ASN A 383 -26.64 3.87 7.90
CA ASN A 383 -26.09 3.85 6.55
C ASN A 383 -26.46 5.13 5.83
N ALA A 384 -25.52 5.67 5.05
CA ALA A 384 -25.76 6.92 4.36
C ALA A 384 -25.53 6.85 2.85
N PHE A 385 -26.16 7.78 2.13
CA PHE A 385 -26.01 7.84 0.69
C PHE A 385 -25.39 9.17 0.31
N TYR A 386 -24.32 9.13 -0.47
CA TYR A 386 -23.68 10.35 -0.94
C TYR A 386 -23.90 10.47 -2.44
N CYS A 387 -24.54 11.55 -2.87
CA CYS A 387 -24.80 11.76 -4.28
C CYS A 387 -23.91 12.83 -4.91
N LEU A 388 -22.97 12.40 -5.74
CA LEU A 388 -22.03 13.30 -6.39
C LEU A 388 -22.62 14.53 -7.08
N GLU A 389 -23.85 14.45 -7.56
CA GLU A 389 -24.45 15.59 -8.27
C GLU A 389 -24.78 16.70 -7.30
N TYR A 390 -24.75 16.38 -6.01
CA TYR A 390 -25.09 17.35 -5.01
C TYR A 390 -23.93 18.30 -4.74
N PHE A 391 -22.80 18.04 -5.39
CA PHE A 391 -21.65 18.90 -5.23
C PHE A 391 -21.50 19.77 -6.46
N PRO A 392 -20.99 20.98 -6.28
CA PRO A 392 -20.78 21.88 -7.40
C PRO A 392 -19.53 21.38 -8.10
N SER A 393 -19.58 21.32 -9.42
CA SER A 393 -18.46 20.84 -10.20
C SER A 393 -18.30 21.66 -11.47
N GLN A 394 -17.08 21.68 -12.00
CA GLN A 394 -16.79 22.43 -13.21
C GLN A 394 -17.22 21.68 -14.44
N MET A 395 -17.76 22.41 -15.41
CA MET A 395 -18.18 21.81 -16.67
C MET A 395 -17.27 22.20 -17.80
N LEU A 396 -16.72 21.21 -18.49
CA LEU A 396 -15.81 21.47 -19.58
C LEU A 396 -16.35 21.01 -20.93
N ARG A 397 -15.75 21.57 -21.97
CA ARG A 397 -16.07 21.22 -23.35
C ARG A 397 -14.67 21.22 -23.94
N THR A 398 -14.52 20.79 -25.19
CA THR A 398 -13.16 20.81 -25.72
C THR A 398 -12.69 22.23 -25.63
N GLY A 399 -11.43 22.44 -25.30
CA GLY A 399 -10.97 23.81 -25.22
C GLY A 399 -11.08 24.32 -23.80
N ASN A 400 -11.66 23.51 -22.93
CA ASN A 400 -11.77 23.88 -21.54
C ASN A 400 -10.79 22.99 -20.82
N ASN A 401 -10.26 23.46 -19.71
CA ASN A 401 -9.32 22.64 -18.97
C ASN A 401 -9.57 22.80 -17.50
N PHE A 402 -8.98 21.93 -16.71
CA PHE A 402 -9.19 21.97 -15.27
C PHE A 402 -7.84 21.86 -14.61
N GLU A 403 -7.69 22.55 -13.48
CA GLU A 403 -6.42 22.50 -12.78
C GLU A 403 -6.63 22.69 -11.29
N MET A 404 -5.73 22.12 -10.50
CA MET A 404 -5.84 22.27 -9.06
C MET A 404 -4.49 22.03 -8.42
N ALA A 405 -4.32 22.57 -7.21
CA ALA A 405 -3.06 22.43 -6.51
C ALA A 405 -3.33 21.97 -5.09
N TYR A 406 -2.30 21.45 -4.43
CA TYR A 406 -2.44 20.96 -3.07
C TYR A 406 -1.08 20.91 -2.40
N ASN A 407 -1.09 21.07 -1.08
CA ASN A 407 0.14 21.02 -0.29
C ASN A 407 0.04 19.95 0.77
N PHE A 408 0.99 19.04 0.73
CA PHE A 408 1.02 17.95 1.70
C PHE A 408 1.27 18.56 3.05
N GLU A 409 1.00 17.81 4.10
CA GLU A 409 1.24 18.33 5.43
C GLU A 409 2.57 17.78 5.91
N LYS A 410 3.23 18.50 6.80
CA LYS A 410 4.51 18.02 7.30
C LYS A 410 4.32 16.59 7.76
N VAL A 411 5.19 15.70 7.29
CA VAL A 411 5.10 14.30 7.64
C VAL A 411 6.50 13.73 7.83
N PRO A 412 6.64 12.78 8.73
CA PRO A 412 7.94 12.16 8.99
C PRO A 412 8.57 11.63 7.72
N PHE A 413 9.84 11.96 7.50
CA PHE A 413 10.54 11.49 6.31
C PHE A 413 10.47 9.99 6.35
N HIS A 414 10.18 9.34 5.23
CA HIS A 414 10.18 7.90 5.30
C HIS A 414 11.63 7.46 5.38
N SER A 415 11.90 6.43 6.16
CA SER A 415 13.27 5.98 6.29
C SER A 415 13.63 5.10 5.12
N MET A 416 14.68 5.46 4.41
CA MET A 416 15.13 4.69 3.26
C MET A 416 16.49 4.10 3.56
N TYR A 417 16.64 3.53 4.73
CA TYR A 417 17.90 2.93 5.14
C TYR A 417 17.65 1.66 5.91
N ALA A 418 18.73 0.87 6.02
CA ALA A 418 18.70 -0.37 6.75
C ALA A 418 19.62 -0.17 7.92
N HIS A 419 19.20 -0.67 9.08
CA HIS A 419 20.00 -0.52 10.28
C HIS A 419 21.24 -1.38 10.19
N SER A 420 22.39 -0.79 10.52
CA SER A 420 23.67 -1.49 10.49
C SER A 420 24.05 -1.97 11.87
N GLN A 421 23.10 -1.92 12.79
CA GLN A 421 23.33 -2.37 14.15
C GLN A 421 22.13 -3.17 14.59
N SER A 422 22.32 -4.15 15.45
CA SER A 422 21.18 -4.90 15.91
C SER A 422 20.81 -4.33 17.26
N LEU A 423 19.56 -3.95 17.40
CA LEU A 423 19.09 -3.35 18.64
C LEU A 423 19.61 -4.00 19.90
N ASP A 424 19.41 -5.30 20.05
CA ASP A 424 19.83 -5.96 21.28
C ASP A 424 21.25 -5.65 21.74
N ARG A 425 22.17 -5.39 20.83
CA ARG A 425 23.52 -5.06 21.28
C ARG A 425 24.08 -3.81 20.67
N LEU A 426 24.03 -2.76 21.48
CA LEU A 426 24.52 -1.46 21.11
C LEU A 426 25.72 -1.15 21.99
N MET A 427 25.89 -1.94 23.03
CA MET A 427 27.00 -1.72 23.96
C MET A 427 28.40 -1.93 23.40
N ASN A 428 29.38 -1.45 24.15
CA ASN A 428 30.77 -1.57 23.78
C ASN A 428 31.20 -2.98 24.11
N PRO A 429 31.48 -3.76 23.07
CA PRO A 429 31.91 -5.14 23.19
C PRO A 429 32.98 -5.30 24.25
N LEU A 430 33.94 -4.39 24.25
CA LEU A 430 35.04 -4.46 25.20
C LEU A 430 34.74 -4.40 26.69
N LEU A 431 33.82 -3.55 27.11
CA LEU A 431 33.53 -3.40 28.54
C LEU A 431 32.42 -4.31 29.00
N ASP A 432 32.19 -4.31 30.31
CA ASP A 432 31.13 -5.11 30.91
C ASP A 432 30.31 -4.25 31.84
N GLN A 433 29.01 -4.52 31.90
CA GLN A 433 28.13 -3.74 32.75
C GLN A 433 28.66 -3.70 34.17
N TYR A 434 28.06 -2.86 35.00
CA TYR A 434 28.50 -2.76 36.37
C TYR A 434 27.38 -3.29 37.22
N LEU A 435 26.47 -4.03 36.59
CA LEU A 435 25.36 -4.61 37.30
C LEU A 435 25.61 -6.11 37.40
N TRP A 436 24.97 -6.75 38.36
CA TRP A 436 25.14 -8.17 38.54
C TRP A 436 23.81 -8.85 38.38
N HIS A 437 23.82 -10.08 37.86
CA HIS A 437 22.58 -10.82 37.73
C HIS A 437 22.85 -12.16 38.38
N LEU A 438 21.77 -12.85 38.73
CA LEU A 438 21.89 -14.16 39.33
C LEU A 438 22.05 -15.11 38.17
N GLN A 439 23.11 -15.90 38.17
CA GLN A 439 23.33 -16.80 37.07
C GLN A 439 22.75 -18.18 37.24
N SER A 440 22.89 -18.78 38.43
CA SER A 440 22.35 -20.11 38.64
C SER A 440 21.93 -20.40 40.06
N THR A 441 20.79 -21.08 40.18
CA THR A 441 20.29 -21.45 41.49
C THR A 441 21.10 -22.63 42.01
N THR A 442 21.65 -23.45 41.10
CA THR A 442 22.45 -24.62 41.50
C THR A 442 23.61 -24.95 40.57
N SER A 443 24.43 -25.90 41.01
CA SER A 443 25.61 -26.34 40.26
C SER A 443 25.31 -27.39 39.21
N GLY A 444 26.27 -27.61 38.32
CA GLY A 444 26.07 -28.62 37.29
C GLY A 444 25.39 -28.06 36.06
N GLU A 445 25.03 -28.93 35.12
CA GLU A 445 24.37 -28.49 33.91
C GLU A 445 23.10 -29.29 33.72
N THR A 446 22.74 -30.02 34.76
CA THR A 446 21.54 -30.83 34.73
C THR A 446 20.41 -30.04 35.34
N LEU A 447 19.26 -30.07 34.68
CA LEU A 447 18.11 -29.31 35.13
C LEU A 447 17.59 -29.46 36.54
N ASN A 448 17.44 -30.67 37.05
CA ASN A 448 16.88 -30.74 38.39
C ASN A 448 17.80 -31.25 39.48
N GLN A 449 19.10 -31.23 39.24
CA GLN A 449 20.01 -31.70 40.27
C GLN A 449 21.15 -30.73 40.44
N GLY A 450 21.71 -30.70 41.65
CA GLY A 450 22.82 -29.82 41.90
C GLY A 450 22.79 -29.29 43.31
N ASN A 451 23.85 -28.60 43.68
CA ASN A 451 23.95 -28.03 45.01
C ASN A 451 23.07 -26.79 45.09
N ALA A 452 22.31 -26.72 46.17
CA ALA A 452 21.39 -25.64 46.45
C ALA A 452 21.70 -24.15 46.29
N ALA A 453 22.90 -23.75 46.70
CA ALA A 453 23.29 -22.34 46.70
C ALA A 453 23.02 -21.56 45.40
N THR A 454 22.55 -20.33 45.56
CA THR A 454 22.39 -19.36 44.48
C THR A 454 23.67 -18.58 44.22
N THR A 455 24.01 -18.35 42.97
CA THR A 455 25.23 -17.62 42.65
C THR A 455 24.98 -16.38 41.80
N PHE A 456 25.60 -15.27 42.20
CA PHE A 456 25.46 -14.02 41.49
C PHE A 456 26.78 -13.66 40.85
N GLY A 457 26.71 -12.98 39.71
CA GLY A 457 27.94 -12.61 39.03
C GLY A 457 27.83 -11.32 38.25
N LYS A 458 28.88 -10.53 38.34
CA LYS A 458 28.93 -9.27 37.65
C LYS A 458 28.91 -9.55 36.15
N ILE A 459 27.92 -8.97 35.46
CA ILE A 459 27.75 -9.17 34.04
C ILE A 459 29.02 -8.79 33.29
N ARG A 460 29.70 -9.78 32.72
CA ARG A 460 30.95 -9.53 32.02
C ARG A 460 30.85 -9.52 30.50
N SER A 461 31.89 -8.98 29.86
CA SER A 461 31.95 -8.92 28.41
C SER A 461 31.72 -10.30 27.83
N GLY A 462 30.77 -10.42 26.91
CA GLY A 462 30.50 -11.72 26.32
C GLY A 462 29.14 -12.27 26.63
N ASP A 463 28.71 -12.14 27.88
CA ASP A 463 27.38 -12.56 28.30
C ASP A 463 26.41 -11.44 27.93
N PHE A 464 26.35 -11.14 26.64
CA PHE A 464 25.62 -9.99 26.13
C PHE A 464 24.15 -10.26 26.27
N ALA A 465 23.71 -11.46 25.93
CA ALA A 465 22.29 -11.78 26.04
C ALA A 465 21.78 -11.40 27.42
N PHE A 466 22.68 -11.31 28.41
CA PHE A 466 22.30 -10.95 29.77
C PHE A 466 22.34 -9.45 30.12
N TYR A 467 23.05 -8.67 29.32
CA TYR A 467 23.16 -7.24 29.56
C TYR A 467 21.81 -6.60 29.71
N ARG A 468 21.66 -5.78 30.74
CA ARG A 468 20.38 -5.10 30.92
C ARG A 468 20.41 -4.03 29.86
N LYS A 469 19.34 -3.94 29.08
CA LYS A 469 19.30 -2.95 28.03
C LYS A 469 18.31 -1.86 28.37
N ASN A 470 18.34 -0.80 27.56
CA ASN A 470 17.50 0.35 27.73
C ASN A 470 16.24 0.31 26.89
N TRP A 471 16.15 -0.60 25.94
CA TRP A 471 14.98 -0.66 25.08
C TRP A 471 14.48 -2.05 24.68
N LEU A 472 13.15 -2.14 24.38
CA LEU A 472 12.46 -3.39 23.98
C LEU A 472 12.16 -3.32 22.50
N PRO A 473 12.48 -4.39 21.78
CA PRO A 473 12.36 -4.35 20.34
C PRO A 473 11.07 -4.25 19.58
N GLY A 474 9.98 -4.92 19.85
CA GLY A 474 8.88 -4.63 18.95
C GLY A 474 7.47 -4.86 19.34
N PRO A 475 6.56 -4.16 18.72
CA PRO A 475 5.14 -4.43 18.85
C PRO A 475 5.00 -5.68 18.06
N CYS A 476 4.12 -6.62 18.33
CA CYS A 476 4.05 -7.79 17.44
C CYS A 476 2.81 -8.66 17.39
N VAL A 477 2.45 -9.09 16.20
CA VAL A 477 1.39 -10.06 16.01
C VAL A 477 1.91 -11.22 15.20
N LYS A 478 1.71 -12.45 15.66
CA LYS A 478 2.17 -13.64 14.96
C LYS A 478 1.42 -13.96 13.71
N GLN A 479 2.09 -14.52 12.73
CA GLN A 479 1.44 -14.90 11.49
C GLN A 479 1.71 -16.35 11.12
N GLN A 480 0.75 -17.01 10.52
CA GLN A 480 0.98 -18.38 10.15
C GLN A 480 1.98 -18.36 9.07
N ARG A 481 2.74 -19.44 8.95
CA ARG A 481 3.75 -19.51 7.89
C ARG A 481 3.48 -20.68 6.94
N PHE A 482 3.72 -20.43 5.66
CA PHE A 482 3.53 -21.45 4.64
C PHE A 482 4.80 -21.66 3.83
N SER A 483 4.94 -22.85 3.24
CA SER A 483 6.12 -23.13 2.45
C SER A 483 5.86 -23.10 0.96
N LYS A 484 6.72 -22.38 0.24
CA LYS A 484 6.58 -22.26 -1.19
C LYS A 484 6.58 -23.60 -1.91
N THR A 485 7.17 -24.62 -1.28
CA THR A 485 7.13 -25.97 -1.82
C THR A 485 5.79 -26.59 -1.45
N ALA A 486 4.98 -26.90 -2.45
CA ALA A 486 3.61 -27.33 -2.19
C ALA A 486 3.65 -28.40 -1.11
N SER A 487 4.50 -29.40 -1.31
CA SER A 487 4.58 -30.54 -0.41
C SER A 487 4.59 -30.30 1.10
N GLN A 488 5.33 -29.29 1.57
CA GLN A 488 5.47 -29.01 3.00
C GLN A 488 4.25 -28.62 3.83
N ASN A 489 3.27 -27.98 3.22
CA ASN A 489 2.09 -27.53 3.97
C ASN A 489 1.10 -28.62 4.33
N TYR A 490 0.33 -28.36 5.39
CA TYR A 490 -0.70 -29.28 5.82
C TYR A 490 -1.78 -28.99 4.79
N LYS A 491 -2.70 -29.91 4.58
CA LYS A 491 -3.75 -29.66 3.60
C LYS A 491 -4.78 -28.68 4.12
N ILE A 492 -5.08 -27.64 3.36
CA ILE A 492 -6.08 -26.66 3.78
C ILE A 492 -6.89 -26.18 2.60
N PRO A 493 -8.21 -26.33 2.67
CA PRO A 493 -9.14 -25.93 1.61
C PRO A 493 -9.32 -24.44 1.63
N ALA A 494 -9.92 -23.91 0.58
CA ALA A 494 -10.16 -22.48 0.48
C ALA A 494 -11.59 -22.18 0.87
N SER A 495 -12.40 -23.22 0.99
CA SER A 495 -13.79 -23.06 1.34
C SER A 495 -14.21 -24.04 2.42
N GLY A 496 -15.42 -23.87 2.92
CA GLY A 496 -15.89 -24.79 3.94
C GLY A 496 -15.50 -24.44 5.36
N GLY A 497 -15.98 -25.26 6.28
CA GLY A 497 -15.71 -25.06 7.69
C GLY A 497 -14.29 -24.74 8.05
N ASN A 498 -13.32 -25.31 7.35
CA ASN A 498 -11.95 -25.04 7.70
C ASN A 498 -11.17 -24.37 6.60
N ALA A 499 -11.82 -23.51 5.82
CA ALA A 499 -11.14 -22.80 4.75
C ALA A 499 -9.94 -22.12 5.38
N LEU A 500 -8.91 -21.90 4.59
CA LEU A 500 -7.69 -21.27 5.08
C LEU A 500 -7.98 -20.09 6.00
N LEU A 501 -8.82 -19.18 5.53
CA LEU A 501 -9.15 -17.99 6.30
C LEU A 501 -9.19 -18.18 7.80
N LYS A 502 -9.83 -19.24 8.27
CA LYS A 502 -9.92 -19.49 9.70
C LYS A 502 -8.58 -19.65 10.40
N TYR A 503 -7.61 -20.24 9.70
CA TYR A 503 -6.33 -20.48 10.33
C TYR A 503 -5.30 -19.36 10.16
N ASP A 504 -5.58 -18.44 9.24
CA ASP A 504 -4.69 -17.31 9.03
C ASP A 504 -5.08 -16.22 10.04
N THR A 505 -4.10 -15.65 10.73
CA THR A 505 -4.34 -14.63 11.73
C THR A 505 -5.33 -13.57 11.27
N HIS A 506 -6.46 -13.48 11.94
CA HIS A 506 -7.51 -12.51 11.58
C HIS A 506 -8.06 -11.73 12.77
N TYR A 507 -8.66 -10.58 12.52
CA TYR A 507 -9.21 -9.79 13.62
C TYR A 507 -10.72 -9.75 13.54
N THR A 508 -11.37 -10.27 14.57
CA THR A 508 -12.82 -10.30 14.59
C THR A 508 -13.44 -8.94 14.81
N LEU A 509 -14.18 -8.46 13.83
CA LEU A 509 -14.84 -7.16 13.94
C LEU A 509 -16.33 -7.27 13.63
N ASN A 510 -17.15 -6.90 14.61
CA ASN A 510 -18.59 -6.93 14.47
C ASN A 510 -19.05 -8.23 13.85
N ASN A 511 -18.46 -9.33 14.47
CA ASN A 511 -18.96 -10.62 14.07
C ASN A 511 -18.41 -11.06 12.71
N ARG A 512 -17.50 -10.29 12.11
CA ARG A 512 -16.99 -10.69 10.80
C ARG A 512 -15.48 -10.85 10.76
N TRP A 513 -14.98 -11.96 10.29
CA TRP A 513 -13.55 -12.06 10.28
C TRP A 513 -13.03 -11.18 9.19
N SER A 514 -12.03 -10.38 9.49
CA SER A 514 -11.39 -9.59 8.46
C SER A 514 -9.98 -10.11 8.58
N ASN A 515 -9.39 -10.61 7.51
CA ASN A 515 -8.09 -11.15 7.68
C ASN A 515 -7.15 -10.01 7.74
N ILE A 516 -6.29 -10.03 8.74
CA ILE A 516 -5.27 -9.03 8.87
C ILE A 516 -4.38 -8.97 7.63
N ALA A 517 -4.20 -7.75 7.14
CA ALA A 517 -3.41 -7.38 5.98
C ALA A 517 -2.04 -7.49 6.52
N PRO A 518 -1.03 -7.27 5.70
CA PRO A 518 0.31 -7.45 6.24
C PRO A 518 0.20 -6.65 7.48
N GLY A 519 0.53 -7.27 8.60
CA GLY A 519 0.34 -6.63 9.87
C GLY A 519 1.44 -5.79 10.43
N PRO A 520 1.31 -5.49 11.71
CA PRO A 520 2.18 -4.52 12.36
C PRO A 520 3.54 -4.90 11.90
N PRO A 521 4.32 -3.91 11.55
CA PRO A 521 5.51 -4.24 10.80
C PRO A 521 6.25 -5.30 11.54
N MET A 522 6.74 -6.29 10.81
CA MET A 522 7.55 -7.30 11.44
C MET A 522 8.55 -7.86 10.45
N ALA A 523 9.49 -8.56 10.97
CA ALA A 523 10.49 -9.10 10.07
C ALA A 523 9.83 -10.22 9.31
N THR A 524 10.32 -10.51 8.11
CA THR A 524 9.75 -11.55 7.28
C THR A 524 10.87 -12.25 6.53
N ALA A 525 10.64 -13.49 6.15
CA ALA A 525 11.67 -14.23 5.42
C ALA A 525 12.10 -13.45 4.18
N GLY A 526 13.36 -13.61 3.77
CA GLY A 526 13.85 -12.94 2.58
C GLY A 526 13.01 -13.39 1.40
N PRO A 527 13.05 -12.68 0.27
CA PRO A 527 12.26 -13.03 -0.91
C PRO A 527 12.55 -14.40 -1.51
N SER A 528 13.80 -14.78 -1.53
CA SER A 528 14.20 -16.07 -2.11
C SER A 528 13.79 -17.27 -1.27
N ASP A 529 13.78 -17.08 0.05
CA ASP A 529 13.44 -18.14 1.00
C ASP A 529 12.28 -19.02 0.58
N GLY A 530 12.37 -20.30 0.93
CA GLY A 530 11.33 -21.25 0.58
C GLY A 530 10.03 -21.09 1.36
N ASP A 531 10.07 -20.37 2.47
CA ASP A 531 8.87 -20.17 3.27
C ASP A 531 8.46 -18.71 3.17
N PHE A 532 7.17 -18.44 3.20
CA PHE A 532 6.70 -17.06 3.11
C PHE A 532 5.51 -16.93 4.03
N SER A 533 5.27 -15.72 4.51
CA SER A 533 4.14 -15.50 5.39
C SER A 533 3.14 -14.55 4.81
N ASN A 534 1.96 -14.54 5.40
CA ASN A 534 0.92 -13.66 4.93
C ASN A 534 1.32 -12.20 5.18
N ALA A 535 2.27 -11.99 6.06
CA ALA A 535 2.73 -10.63 6.39
C ALA A 535 3.32 -9.90 5.21
N GLN A 536 3.95 -10.63 4.29
CA GLN A 536 4.59 -10.04 3.13
C GLN A 536 3.60 -9.74 2.00
N LEU A 537 3.89 -8.72 1.22
CA LEU A 537 3.01 -8.35 0.11
C LEU A 537 3.41 -9.13 -1.13
N ILE A 538 2.43 -9.61 -1.89
CA ILE A 538 2.72 -10.36 -3.10
C ILE A 538 2.29 -9.62 -4.34
N PHE A 539 3.21 -9.49 -5.29
CA PHE A 539 2.95 -8.85 -6.56
C PHE A 539 3.03 -9.89 -7.66
N PRO A 540 2.18 -9.75 -8.68
CA PRO A 540 2.10 -10.65 -9.82
C PRO A 540 3.42 -11.18 -10.38
N GLY A 541 4.27 -10.30 -10.89
CA GLY A 541 5.50 -10.77 -11.48
C GLY A 541 5.24 -10.77 -12.98
N PRO A 542 6.26 -10.66 -13.82
CA PRO A 542 6.09 -10.58 -15.30
C PRO A 542 5.32 -11.73 -15.95
N SER A 543 5.79 -12.93 -15.81
CA SER A 543 5.28 -14.16 -16.51
C SER A 543 3.85 -14.63 -16.34
N VAL A 544 3.24 -14.33 -15.19
CA VAL A 544 1.90 -14.81 -14.88
C VAL A 544 0.83 -14.29 -15.84
N THR A 545 0.12 -15.21 -16.49
CA THR A 545 -1.01 -14.86 -17.34
C THR A 545 -2.40 -14.54 -16.81
N GLY A 546 -2.94 -15.39 -15.94
CA GLY A 546 -4.28 -15.18 -15.41
C GLY A 546 -4.43 -14.60 -14.02
N ASN A 547 -5.58 -14.86 -13.40
CA ASN A 547 -5.89 -14.37 -12.05
C ASN A 547 -5.34 -15.31 -11.01
N THR A 548 -5.05 -16.52 -11.43
CA THR A 548 -4.57 -17.51 -10.50
C THR A 548 -3.38 -18.31 -11.00
N THR A 549 -2.50 -18.74 -10.09
CA THR A 549 -1.34 -19.53 -10.47
C THR A 549 -0.94 -20.56 -9.41
N THR A 550 -0.45 -21.71 -9.86
CA THR A 550 -0.04 -22.82 -9.01
C THR A 550 1.28 -22.63 -8.31
N SER A 551 2.31 -22.29 -9.08
CA SER A 551 3.62 -22.12 -8.49
C SER A 551 3.96 -20.67 -8.15
N ALA A 552 4.41 -20.48 -6.93
CA ALA A 552 4.77 -19.16 -6.43
C ALA A 552 6.09 -18.69 -7.00
N ASN A 553 6.64 -19.42 -7.95
CA ASN A 553 7.89 -18.99 -8.52
C ASN A 553 7.59 -17.90 -9.53
N ASN A 554 6.32 -17.77 -9.88
CA ASN A 554 5.93 -16.76 -10.85
C ASN A 554 5.52 -15.47 -10.18
N LEU A 555 5.59 -15.42 -8.87
CA LEU A 555 5.20 -14.21 -8.17
C LEU A 555 6.36 -13.44 -7.62
N LEU A 556 6.09 -12.23 -7.11
CA LEU A 556 7.12 -11.42 -6.52
C LEU A 556 6.75 -11.22 -5.06
N PHE A 557 7.73 -11.40 -4.18
CA PHE A 557 7.46 -11.24 -2.76
C PHE A 557 8.25 -10.09 -2.19
N THR A 558 7.59 -9.26 -1.41
CA THR A 558 8.29 -8.16 -0.77
C THR A 558 8.76 -8.81 0.51
N SER A 559 9.82 -8.29 1.11
CA SER A 559 10.32 -8.86 2.35
C SER A 559 10.94 -7.77 3.19
N GLU A 560 10.85 -7.91 4.50
CA GLU A 560 11.40 -6.92 5.41
C GLU A 560 12.52 -7.50 6.27
N GLU A 561 13.48 -8.17 5.64
CA GLU A 561 14.61 -8.71 6.38
C GLU A 561 15.27 -7.57 7.12
N GLU A 562 15.47 -6.45 6.42
CA GLU A 562 16.12 -5.26 6.95
C GLU A 562 15.61 -4.80 8.31
N ILE A 563 14.31 -5.01 8.55
CA ILE A 563 13.65 -4.63 9.79
C ILE A 563 14.08 -5.50 10.95
N ALA A 564 14.46 -6.74 10.65
CA ALA A 564 14.85 -7.71 11.68
C ALA A 564 15.75 -7.17 12.78
N ALA A 565 16.58 -6.19 12.45
CA ALA A 565 17.51 -5.63 13.43
C ALA A 565 16.78 -4.98 14.59
N THR A 566 15.61 -4.42 14.32
CA THR A 566 14.85 -3.74 15.35
C THR A 566 13.68 -4.52 15.94
N ASN A 567 12.86 -5.16 15.11
CA ASN A 567 11.69 -5.89 15.64
C ASN A 567 11.57 -7.38 15.29
N PRO A 568 10.69 -8.08 16.02
CA PRO A 568 10.41 -9.54 15.93
C PRO A 568 10.05 -10.07 14.52
N ARG A 569 10.23 -11.38 14.37
CA ARG A 569 9.95 -12.08 13.12
C ARG A 569 8.47 -12.45 13.02
N ASP A 570 7.94 -12.40 11.82
CA ASP A 570 6.53 -12.69 11.57
C ASP A 570 6.04 -14.07 11.98
N THR A 571 6.77 -15.10 11.57
CA THR A 571 6.38 -16.47 11.88
C THR A 571 6.83 -16.94 13.26
N ASP A 572 7.91 -16.38 13.77
CA ASP A 572 8.40 -16.70 15.11
C ASP A 572 7.67 -15.83 16.12
N MET A 573 7.89 -16.07 17.41
CA MET A 573 7.21 -15.27 18.41
C MET A 573 7.91 -14.00 18.85
N PHE A 574 7.28 -13.25 19.75
CA PHE A 574 7.86 -12.01 20.24
C PHE A 574 8.95 -12.31 21.26
N GLY A 575 8.69 -13.33 22.06
CA GLY A 575 9.62 -13.74 23.08
C GLY A 575 8.90 -14.76 23.96
N GLN A 576 9.43 -15.01 25.14
CA GLN A 576 8.81 -15.95 26.04
C GLN A 576 8.88 -15.31 27.40
N ILE A 577 7.78 -15.38 28.14
CA ILE A 577 7.76 -14.80 29.47
C ILE A 577 7.62 -15.86 30.57
N ALA A 578 8.18 -15.60 31.74
CA ALA A 578 7.90 -16.48 32.84
C ALA A 578 6.40 -16.35 32.98
N ASP A 579 5.71 -17.48 32.97
CA ASP A 579 4.28 -17.46 33.11
C ASP A 579 3.96 -18.10 34.44
N ASN A 580 4.91 -18.02 35.37
CA ASN A 580 4.72 -18.74 36.63
C ASN A 580 5.73 -18.37 37.71
N ASN A 581 5.35 -18.62 38.95
CA ASN A 581 6.24 -18.37 40.09
C ASN A 581 6.98 -19.62 40.51
N GLN A 582 8.22 -19.78 40.06
CA GLN A 582 9.01 -20.96 40.38
C GLN A 582 9.15 -21.18 41.87
N ASN A 583 9.41 -22.44 42.23
CA ASN A 583 9.56 -22.82 43.62
C ASN A 583 10.28 -24.17 43.72
N ALA A 584 11.03 -24.36 44.80
CA ALA A 584 11.77 -25.59 45.01
C ALA A 584 11.00 -26.87 44.70
N THR A 585 9.70 -26.87 44.95
CA THR A 585 8.88 -28.05 44.69
C THR A 585 8.19 -28.00 43.34
N THR A 586 8.09 -26.80 42.77
CA THR A 586 7.41 -26.64 41.48
C THR A 586 8.35 -26.04 40.43
N ALA A 587 8.43 -26.66 39.25
CA ALA A 587 9.31 -26.17 38.20
C ALA A 587 8.82 -24.91 37.50
N PRO A 588 9.73 -24.16 36.89
CA PRO A 588 9.42 -22.91 36.18
C PRO A 588 8.78 -23.17 34.82
N ILE A 589 7.75 -22.42 34.49
CA ILE A 589 7.08 -22.58 33.21
C ILE A 589 7.15 -21.29 32.41
N THR A 590 7.52 -21.39 31.14
CA THR A 590 7.59 -20.20 30.31
C THR A 590 6.43 -20.20 29.34
N GLY A 591 5.83 -19.02 29.18
CA GLY A 591 4.71 -18.88 28.26
C GLY A 591 5.21 -18.30 26.95
N ASN A 592 4.62 -18.76 25.86
CA ASN A 592 5.02 -18.28 24.56
C ASN A 592 4.17 -17.04 24.26
N VAL A 593 4.80 -15.91 23.94
CA VAL A 593 4.03 -14.71 23.65
C VAL A 593 3.85 -14.50 22.15
N THR A 594 2.60 -14.41 21.74
CA THR A 594 2.28 -14.23 20.33
C THR A 594 1.85 -12.84 19.95
N ALA A 595 1.08 -12.19 20.82
CA ALA A 595 0.63 -10.84 20.53
C ALA A 595 1.17 -9.89 21.59
N MET A 596 1.81 -8.84 21.13
CA MET A 596 2.38 -7.90 22.07
C MET A 596 2.10 -6.44 21.74
N GLY A 597 1.26 -5.81 22.56
CA GLY A 597 0.94 -4.41 22.34
C GLY A 597 2.17 -3.57 22.63
N VAL A 598 2.15 -2.31 22.26
CA VAL A 598 3.30 -1.46 22.49
C VAL A 598 3.59 -1.21 23.97
N LEU A 599 4.87 -1.25 24.33
CA LEU A 599 5.31 -1.03 25.70
C LEU A 599 6.31 0.09 25.76
N PRO A 600 6.38 0.80 26.89
CA PRO A 600 7.31 1.91 27.06
C PRO A 600 8.71 1.42 26.69
N GLY A 601 9.44 2.18 25.90
CA GLY A 601 10.79 1.78 25.55
C GLY A 601 10.94 0.89 24.33
N MET A 602 9.87 0.73 23.58
CA MET A 602 9.96 -0.10 22.39
C MET A 602 10.38 0.79 21.24
N VAL A 603 11.09 0.23 20.27
CA VAL A 603 11.49 1.01 19.12
C VAL A 603 11.33 0.08 17.95
N TRP A 604 10.70 0.53 16.88
CA TRP A 604 10.51 -0.34 15.73
C TRP A 604 10.62 0.42 14.45
N GLN A 605 10.70 -0.33 13.35
CA GLN A 605 10.81 0.29 12.05
C GLN A 605 9.50 0.08 11.33
N ASN A 606 9.18 0.96 10.39
CA ASN A 606 7.93 0.78 9.66
C ASN A 606 8.21 -0.06 8.43
N ARG A 607 7.16 -0.59 7.84
CA ARG A 607 7.28 -1.39 6.63
C ARG A 607 7.86 -0.48 5.55
N ASP A 608 8.74 -0.99 4.70
CA ASP A 608 9.34 -0.18 3.64
C ASP A 608 8.34 0.19 2.54
N ILE A 609 8.68 1.17 1.70
CA ILE A 609 7.81 1.54 0.58
C ILE A 609 8.32 0.77 -0.60
N TYR A 610 7.48 0.60 -1.62
CA TYR A 610 7.93 -0.12 -2.78
C TYR A 610 7.62 0.62 -4.07
N TYR A 611 8.53 0.51 -5.03
CA TYR A 611 8.38 1.19 -6.31
C TYR A 611 6.96 1.12 -6.82
N GLN A 612 6.32 -0.03 -6.68
CA GLN A 612 4.96 -0.18 -7.14
C GLN A 612 3.99 -0.23 -5.98
N GLY A 613 4.42 0.28 -4.83
CA GLY A 613 3.56 0.29 -3.67
C GLY A 613 2.81 1.59 -3.56
N PRO A 614 1.77 1.66 -2.71
CA PRO A 614 1.05 2.92 -2.60
C PRO A 614 1.95 3.95 -1.93
N ILE A 615 1.57 5.22 -2.05
CA ILE A 615 2.32 6.34 -1.49
C ILE A 615 1.72 6.91 -0.22
N TRP A 616 0.43 7.20 -0.26
CA TRP A 616 -0.21 7.75 0.91
C TRP A 616 -1.50 7.01 1.15
N ALA A 617 -2.10 7.28 2.31
CA ALA A 617 -3.37 6.68 2.65
C ALA A 617 -3.94 7.64 3.66
N LYS A 618 -5.26 7.78 3.66
CA LYS A 618 -5.91 8.70 4.56
C LYS A 618 -6.14 8.13 5.94
N ILE A 619 -5.80 8.92 6.94
CA ILE A 619 -5.97 8.51 8.31
C ILE A 619 -7.43 8.65 8.69
N PRO A 620 -8.04 7.53 9.07
CA PRO A 620 -9.44 7.41 9.47
C PRO A 620 -9.81 8.56 10.38
N HIS A 621 -11.02 9.07 10.21
CA HIS A 621 -11.50 10.17 11.01
C HIS A 621 -12.03 9.57 12.29
N ALA A 622 -11.14 9.36 13.25
CA ALA A 622 -11.58 8.77 14.49
C ALA A 622 -10.94 9.43 15.67
N ASP A 623 -11.56 9.24 16.82
CA ASP A 623 -11.07 9.78 18.07
C ASP A 623 -9.64 9.37 18.34
N GLY A 624 -9.33 8.11 18.10
CA GLY A 624 -7.99 7.64 18.36
C GLY A 624 -7.33 6.82 17.29
N HIS A 625 -6.07 7.16 17.04
CA HIS A 625 -5.26 6.45 16.07
C HIS A 625 -3.89 6.44 16.71
N PHE A 626 -3.11 5.40 16.45
CA PHE A 626 -1.78 5.30 17.04
C PHE A 626 -0.71 5.00 16.00
N HIS A 627 0.34 5.93 15.92
CA HIS A 627 1.42 5.75 14.98
C HIS A 627 0.92 5.47 13.59
N PRO A 628 0.26 6.44 13.00
CA PRO A 628 -0.40 6.25 11.73
C PRO A 628 0.67 6.01 10.73
N SER A 629 0.64 4.93 10.14
CA SER A 629 1.48 4.65 9.03
C SER A 629 0.69 3.54 8.41
N PRO A 630 0.23 3.75 7.20
CA PRO A 630 -0.48 2.72 6.57
C PRO A 630 0.30 1.47 6.82
N LEU A 631 -0.40 0.43 6.96
CA LEU A 631 0.29 -0.79 7.16
C LEU A 631 0.75 -1.35 5.85
N ILE A 632 0.12 -0.92 4.76
CA ILE A 632 0.49 -1.42 3.46
C ILE A 632 1.75 -0.71 2.99
N GLY A 633 2.13 0.31 3.75
CA GLY A 633 3.32 1.09 3.43
C GLY A 633 2.88 2.46 2.98
N GLY A 634 3.72 3.48 3.20
CA GLY A 634 3.37 4.82 2.78
C GLY A 634 3.25 5.85 3.88
N PHE A 635 2.85 7.06 3.50
CA PHE A 635 2.68 8.15 4.44
C PHE A 635 1.24 8.32 4.88
N GLY A 636 1.04 8.45 6.19
CA GLY A 636 -0.30 8.62 6.70
C GLY A 636 -0.66 10.09 6.77
N LEU A 637 -1.69 10.49 6.04
CA LEU A 637 -2.11 11.89 6.04
C LEU A 637 -3.52 12.06 6.57
N LYS A 638 -3.73 13.13 7.32
CA LYS A 638 -5.04 13.43 7.87
C LYS A 638 -5.86 14.03 6.75
N HIS A 639 -5.20 14.76 5.86
CA HIS A 639 -5.83 15.40 4.72
C HIS A 639 -5.01 15.04 3.50
N PRO A 640 -5.26 13.88 2.90
CA PRO A 640 -4.53 13.41 1.71
C PRO A 640 -4.96 13.98 0.38
N PRO A 641 -4.07 13.93 -0.63
CA PRO A 641 -4.43 14.46 -1.94
C PRO A 641 -5.88 14.07 -2.22
N PRO A 642 -6.74 15.04 -2.48
CA PRO A 642 -8.17 14.88 -2.77
C PRO A 642 -8.51 14.04 -3.99
N GLN A 643 -9.60 13.28 -3.88
CA GLN A 643 -9.99 12.48 -5.03
C GLN A 643 -10.61 13.40 -6.05
N ILE A 644 -10.12 13.34 -7.28
CA ILE A 644 -10.67 14.17 -8.32
C ILE A 644 -11.68 13.36 -9.10
N PHE A 645 -12.94 13.79 -9.09
CA PHE A 645 -14.00 13.08 -9.80
C PHE A 645 -14.31 13.62 -11.18
N ILE A 646 -14.71 12.73 -12.06
CA ILE A 646 -15.01 13.12 -13.42
C ILE A 646 -16.13 12.25 -13.96
N LYS A 647 -16.97 12.84 -14.83
CA LYS A 647 -18.09 12.15 -15.42
C LYS A 647 -18.52 12.81 -16.72
N ASN A 648 -19.03 12.02 -17.65
CA ASN A 648 -19.48 12.57 -18.93
C ASN A 648 -20.93 12.97 -18.71
N THR A 649 -21.25 14.23 -19.00
CA THR A 649 -22.60 14.71 -18.83
C THR A 649 -23.52 13.92 -19.75
N PRO A 650 -24.74 13.63 -19.29
CA PRO A 650 -25.71 12.87 -20.09
C PRO A 650 -26.21 13.71 -21.26
N VAL A 651 -26.68 12.99 -22.19
CA VAL A 651 -27.27 13.60 -23.32
C VAL A 651 -28.42 12.75 -23.72
N PRO A 652 -29.39 13.38 -24.40
CA PRO A 652 -30.63 12.63 -24.71
C PRO A 652 -31.01 12.34 -26.14
N ALA A 653 -31.44 11.08 -26.29
CA ALA A 653 -31.83 10.56 -27.56
C ALA A 653 -33.03 11.34 -27.90
N ASN A 654 -33.51 11.17 -29.09
CA ASN A 654 -34.60 11.96 -29.53
C ASN A 654 -35.64 11.56 -28.58
N PRO A 655 -36.50 12.49 -28.22
CA PRO A 655 -37.46 12.31 -27.16
C PRO A 655 -38.82 12.56 -27.68
N ALA A 656 -39.79 11.97 -27.03
CA ALA A 656 -41.14 11.98 -27.50
C ALA A 656 -41.76 13.33 -27.56
N THR A 657 -42.60 13.51 -28.56
CA THR A 657 -43.25 14.77 -28.83
C THR A 657 -44.27 15.21 -27.80
N THR A 658 -44.91 14.26 -27.14
CA THR A 658 -45.86 14.66 -26.11
C THR A 658 -45.20 14.44 -24.74
N PHE A 659 -45.39 15.39 -23.84
CA PHE A 659 -44.75 15.34 -22.53
C PHE A 659 -45.12 14.20 -21.60
N THR A 660 -44.10 13.64 -20.96
CA THR A 660 -44.24 12.56 -20.00
C THR A 660 -43.34 12.83 -18.80
N ALA A 661 -43.93 12.79 -17.61
CA ALA A 661 -43.20 13.06 -16.39
C ALA A 661 -42.04 12.13 -16.10
N ALA A 662 -42.24 10.85 -16.39
CA ALA A 662 -41.20 9.84 -16.14
C ALA A 662 -39.82 10.37 -16.49
N ARG A 663 -38.82 10.09 -15.66
CA ARG A 663 -37.49 10.58 -15.95
C ARG A 663 -37.03 9.97 -17.27
N VAL A 664 -36.32 10.77 -18.06
CA VAL A 664 -35.84 10.32 -19.35
C VAL A 664 -34.87 9.18 -19.15
N ASP A 665 -34.91 8.21 -20.04
CA ASP A 665 -34.04 7.05 -19.93
C ASP A 665 -33.32 6.76 -21.22
N SER A 666 -33.68 7.45 -22.29
CA SER A 666 -33.02 7.19 -23.55
C SER A 666 -31.89 8.17 -23.81
N PHE A 667 -30.65 7.68 -23.74
CA PHE A 667 -29.50 8.54 -23.96
C PHE A 667 -28.59 8.17 -25.12
N ILE A 668 -27.98 9.20 -25.69
CA ILE A 668 -27.02 9.03 -26.77
C ILE A 668 -25.81 8.38 -26.14
N THR A 669 -25.10 7.56 -26.90
CA THR A 669 -23.94 6.88 -26.35
C THR A 669 -22.70 7.72 -26.53
N GLN A 670 -22.00 7.97 -25.44
CA GLN A 670 -20.79 8.78 -25.51
C GLN A 670 -19.68 8.30 -24.60
N TYR A 671 -18.47 8.74 -24.93
CA TYR A 671 -17.32 8.45 -24.10
C TYR A 671 -16.38 9.58 -24.39
N SER A 672 -15.46 9.82 -23.46
CA SER A 672 -14.53 10.91 -23.61
C SER A 672 -13.11 10.49 -23.35
N THR A 673 -12.20 11.35 -23.75
CA THR A 673 -10.79 11.09 -23.56
C THR A 673 -10.00 12.37 -23.54
N GLY A 674 -8.86 12.34 -22.85
CA GLY A 674 -8.00 13.50 -22.76
C GLY A 674 -6.79 13.11 -21.95
N GLN A 675 -5.92 14.07 -21.65
CA GLN A 675 -4.74 13.79 -20.85
C GLN A 675 -4.81 14.49 -19.52
N VAL A 676 -4.19 13.86 -18.53
CA VAL A 676 -4.13 14.43 -17.21
C VAL A 676 -2.64 14.53 -16.95
N ALA A 677 -2.25 15.51 -16.14
CA ALA A 677 -0.86 15.69 -15.80
C ALA A 677 -0.75 15.94 -14.32
N VAL A 678 0.12 15.19 -13.67
CA VAL A 678 0.32 15.31 -12.24
C VAL A 678 1.76 15.64 -11.93
N GLN A 679 1.95 16.61 -11.06
CA GLN A 679 3.28 17.02 -10.67
C GLN A 679 3.39 16.99 -9.17
N ILE A 680 4.44 16.34 -8.66
CA ILE A 680 4.66 16.26 -7.23
C ILE A 680 6.04 16.75 -6.88
N GLU A 681 6.12 17.52 -5.81
CA GLU A 681 7.39 18.05 -5.37
C GLU A 681 7.80 17.32 -4.12
N TRP A 682 8.85 16.51 -4.25
CA TRP A 682 9.33 15.72 -3.13
C TRP A 682 10.53 16.33 -2.43
N GLU A 683 10.49 16.30 -1.11
CA GLU A 683 11.57 16.84 -0.30
C GLU A 683 12.37 15.61 0.17
N ILE A 684 13.66 15.60 -0.11
CA ILE A 684 14.49 14.45 0.25
C ILE A 684 15.72 14.87 1.01
N GLU A 685 16.33 13.95 1.74
CA GLU A 685 17.54 14.31 2.47
C GLU A 685 18.68 13.35 2.17
N LYS A 686 19.78 13.91 1.68
CA LYS A 686 20.94 13.10 1.34
C LYS A 686 21.39 12.31 2.53
N GLU A 687 22.26 11.34 2.31
CA GLU A 687 22.75 10.44 3.34
C GLU A 687 23.69 11.05 4.39
N ARG A 688 24.89 11.46 3.99
CA ARG A 688 25.83 12.02 4.97
C ARG A 688 26.22 10.99 6.03
N SER A 689 26.68 9.82 5.59
CA SER A 689 27.11 8.77 6.50
C SER A 689 28.62 8.81 6.66
N LYS A 690 29.14 8.18 7.70
CA LYS A 690 30.58 8.17 7.87
C LYS A 690 31.11 6.76 7.75
N ARG A 691 30.28 5.87 7.24
CA ARG A 691 30.68 4.50 7.06
C ARG A 691 31.81 4.47 6.03
N TRP A 692 32.81 3.63 6.26
CA TRP A 692 33.94 3.55 5.36
C TRP A 692 33.76 2.60 4.19
N ASN A 693 33.38 1.37 4.50
CA ASN A 693 33.19 0.35 3.47
C ASN A 693 32.02 0.67 2.57
N PRO A 694 32.17 0.37 1.27
CA PRO A 694 31.15 0.60 0.26
C PRO A 694 29.81 -0.01 0.64
N GLU A 695 28.75 0.73 0.36
CA GLU A 695 27.38 0.30 0.67
C GLU A 695 26.85 -0.64 -0.36
N VAL A 696 25.64 -1.13 -0.12
CA VAL A 696 24.98 -2.02 -1.06
C VAL A 696 24.13 -1.06 -1.82
N GLN A 697 23.96 -1.28 -3.06
CA GLN A 697 23.13 -0.36 -3.77
C GLN A 697 22.34 -1.15 -4.76
N PHE A 698 21.28 -0.62 -5.30
CA PHE A 698 20.54 -1.48 -6.16
C PHE A 698 20.87 -1.09 -7.53
N THR A 699 21.33 -2.08 -8.27
CA THR A 699 21.84 -1.95 -9.60
C THR A 699 21.25 -3.11 -10.23
N SER A 700 21.08 -3.11 -11.54
CA SER A 700 20.34 -4.20 -12.12
C SER A 700 20.94 -5.59 -11.96
N ASN A 701 22.16 -5.77 -12.43
CA ASN A 701 22.82 -7.05 -12.26
C ASN A 701 22.14 -8.14 -13.06
N TYR A 702 21.26 -7.78 -13.97
CA TYR A 702 20.61 -8.81 -14.76
C TYR A 702 21.58 -9.47 -15.71
N GLY A 703 21.38 -10.75 -15.88
CA GLY A 703 22.20 -11.59 -16.74
C GLY A 703 21.98 -11.18 -18.19
N ASN A 704 22.77 -11.76 -19.11
CA ASN A 704 22.51 -11.41 -20.49
C ASN A 704 21.05 -11.76 -20.75
N GLN A 705 20.32 -10.83 -21.33
CA GLN A 705 18.91 -11.07 -21.61
C GLN A 705 18.65 -11.04 -23.10
N SER A 706 17.72 -11.87 -23.56
CA SER A 706 17.39 -11.92 -24.97
C SER A 706 16.64 -10.63 -25.29
N SER A 707 15.71 -10.27 -24.41
CA SER A 707 14.94 -9.03 -24.55
C SER A 707 15.17 -8.35 -23.22
N MET A 708 15.96 -7.27 -23.26
CA MET A 708 16.32 -6.55 -22.06
C MET A 708 15.18 -6.28 -21.11
N LEU A 709 15.53 -6.22 -19.83
CA LEU A 709 14.57 -5.98 -18.78
C LEU A 709 14.16 -4.55 -18.60
N TRP A 710 13.03 -4.35 -17.92
CA TRP A 710 12.53 -3.00 -17.65
C TRP A 710 12.27 -2.20 -18.92
N ALA A 711 12.01 -2.93 -19.97
CA ALA A 711 11.76 -2.33 -21.26
C ALA A 711 10.72 -3.09 -21.99
N PRO A 712 10.15 -2.37 -22.94
CA PRO A 712 9.13 -2.96 -23.79
C PRO A 712 9.84 -4.06 -24.52
N ASP A 713 9.09 -4.99 -25.07
CA ASP A 713 9.66 -6.13 -25.76
C ASP A 713 9.13 -6.20 -27.18
N THR A 714 9.46 -7.28 -27.87
CA THR A 714 9.11 -7.43 -29.27
C THR A 714 7.62 -7.43 -29.44
N THR A 715 6.91 -8.07 -28.53
CA THR A 715 5.46 -8.06 -28.59
C THR A 715 5.09 -6.59 -28.43
N GLY A 716 5.83 -5.88 -27.60
CA GLY A 716 5.60 -4.47 -27.34
C GLY A 716 5.07 -4.27 -25.95
N LYS A 717 5.05 -5.40 -25.24
CA LYS A 717 4.54 -5.43 -23.86
C LYS A 717 5.52 -4.86 -22.86
N TYR A 718 5.01 -4.20 -21.79
CA TYR A 718 5.93 -3.68 -20.78
C TYR A 718 5.53 -4.24 -19.43
N THR A 719 6.48 -4.84 -18.73
CA THR A 719 6.19 -5.39 -17.42
C THR A 719 7.36 -5.21 -16.48
N GLU A 720 7.06 -4.96 -15.21
CA GLU A 720 8.10 -4.76 -14.23
C GLU A 720 8.64 -6.10 -13.75
N PRO A 721 9.96 -6.29 -13.87
CA PRO A 721 10.72 -7.48 -13.50
C PRO A 721 10.70 -7.83 -12.02
N ARG A 722 11.06 -6.88 -11.18
CA ARG A 722 11.11 -7.14 -9.75
C ARG A 722 10.40 -6.08 -8.97
N VAL A 723 10.13 -6.38 -7.72
CA VAL A 723 9.49 -5.38 -6.89
C VAL A 723 10.71 -4.75 -6.26
N ILE A 724 10.68 -3.43 -6.09
CA ILE A 724 11.83 -2.75 -5.50
C ILE A 724 11.49 -1.87 -4.32
N GLY A 725 12.25 -2.06 -3.25
CA GLY A 725 12.07 -1.31 -2.04
C GLY A 725 12.90 -0.05 -2.10
N SER A 726 13.14 0.55 -0.94
CA SER A 726 13.91 1.78 -0.92
C SER A 726 15.07 1.72 0.06
N ARG A 727 15.18 0.62 0.79
CA ARG A 727 16.24 0.50 1.77
C ARG A 727 17.47 -0.27 1.32
N TYR A 728 18.40 0.44 0.69
CA TYR A 728 19.63 -0.19 0.26
C TYR A 728 20.75 0.48 1.05
N LEU A 729 20.59 1.78 1.32
CA LEU A 729 21.60 2.48 2.08
C LEU A 729 21.60 2.05 3.53
N THR A 730 22.73 2.25 4.19
CA THR A 730 22.85 1.85 5.58
C THR A 730 23.05 3.00 6.55
N ASN A 731 22.67 2.77 7.79
CA ASN A 731 22.82 3.75 8.85
C ASN A 731 22.73 3.00 10.17
N HIS A 732 23.43 3.47 11.18
CA HIS A 732 23.42 2.81 12.48
C HIS A 732 22.28 3.31 13.35
N LEU A 733 21.99 2.57 14.42
CA LEU A 733 20.94 2.97 15.34
C LEU A 733 21.40 4.13 16.20
#